data_1JDA
#
_entry.id   1JDA
#
_cell.length_a   65.700
_cell.length_b   171.000
_cell.length_c   46.800
_cell.angle_alpha   90.00
_cell.angle_beta   90.00
_cell.angle_gamma   90.00
#
_symmetry.space_group_name_H-M   'P 21 21 21'
#
loop_
_entity.id
_entity.type
_entity.pdbx_description
1 polymer '1,4-ALPHA MALTOTETRAHYDROLASE'
2 non-polymer 'CALCIUM ION'
3 water water
#
_entity_poly.entity_id   1
_entity_poly.type   'polypeptide(L)'
_entity_poly.pdbx_seq_one_letter_code
;DQAGKSPNAVRYHGGDEIILQGFHWNVVREAPNDWYNILRQQAATIAADGFSAIWMPVPWRDFSSWSDGSKSGGGEGYFW
HDFNKNGRYGSDAQLRQAASALGGAGVKVLYDVVPNHMNRGYPDKEINLPAGQGFWRNDCADPGNYPNDCDDGDRFIGGD
ADLNTGHPQVYGMFRDEFTNLRSQYGAGGFRFDFVRGYAPERVNSWMTDSADNSFCVGQLWKGPSEYPNWDWRNTASWQQ
IIKDWSDRAKCPVFDFALKERMQNGSIADWKHGLNGNPDPRWREVAVTFVDNHDTGYSPGQNGGQHHWALQDGLIRQAYA
YILTSPGTPVVYWDHMYDWGYGDFIRQLIQVRRAAGVRADSAISFHSGYSGLVATVSGSQQTLVVALNSDLGNPGQVASG
SFSEAVNASNGQVRVWRSGTGSGGGEPGA
;
_entity_poly.pdbx_strand_id   A
#
loop_
_chem_comp.id
_chem_comp.type
_chem_comp.name
_chem_comp.formula
CA non-polymer 'CALCIUM ION' 'Ca 2'
#
# COMPACT_ATOMS: atom_id res chain seq x y z
N ASP A 1 3.15 -2.97 -19.91
CA ASP A 1 2.23 -2.15 -19.07
C ASP A 1 0.82 -2.22 -19.67
N GLN A 2 0.27 -3.40 -19.37
CA GLN A 2 -1.13 -3.70 -19.82
C GLN A 2 -1.97 -2.91 -18.80
N ALA A 3 -2.86 -2.06 -19.27
CA ALA A 3 -3.62 -1.27 -18.30
C ALA A 3 -5.10 -1.48 -18.50
N GLY A 4 -5.69 -2.38 -17.77
CA GLY A 4 -7.13 -2.67 -17.85
C GLY A 4 -7.58 -3.06 -16.44
N LYS A 5 -8.87 -3.13 -16.29
CA LYS A 5 -9.62 -3.45 -15.10
C LYS A 5 -9.83 -4.96 -15.03
N SER A 6 -10.01 -5.46 -13.83
CA SER A 6 -10.27 -6.90 -13.61
C SER A 6 -11.68 -7.30 -14.05
N PRO A 7 -11.91 -8.60 -14.18
CA PRO A 7 -13.21 -9.13 -14.55
C PRO A 7 -14.32 -8.65 -13.65
N ASN A 8 -14.03 -8.36 -12.39
CA ASN A 8 -15.08 -7.86 -11.47
C ASN A 8 -15.03 -6.32 -11.52
N ALA A 9 -14.30 -5.74 -12.49
CA ALA A 9 -14.17 -4.29 -12.59
C ALA A 9 -13.33 -3.67 -11.49
N VAL A 10 -12.34 -4.34 -10.98
CA VAL A 10 -11.52 -3.71 -9.91
C VAL A 10 -10.36 -2.99 -10.59
N ARG A 11 -10.06 -1.78 -10.10
CA ARG A 11 -9.03 -0.95 -10.75
C ARG A 11 -7.61 -1.42 -10.51
N TYR A 12 -7.23 -2.58 -11.02
CA TYR A 12 -5.88 -3.16 -10.81
C TYR A 12 -4.87 -2.84 -11.89
N HIS A 13 -5.25 -2.07 -12.88
CA HIS A 13 -4.41 -1.61 -13.92
C HIS A 13 -3.60 -2.70 -14.60
N GLY A 14 -4.29 -3.67 -15.17
CA GLY A 14 -3.56 -4.73 -15.90
C GLY A 14 -3.12 -5.88 -15.05
N GLY A 15 -2.91 -5.61 -13.79
CA GLY A 15 -2.49 -6.58 -12.79
C GLY A 15 -1.03 -6.93 -12.87
N ASP A 16 -0.26 -6.05 -13.49
CA ASP A 16 1.19 -6.34 -13.58
C ASP A 16 2.01 -5.17 -13.05
N GLU A 17 1.48 -4.49 -12.03
CA GLU A 17 2.30 -3.35 -11.50
C GLU A 17 3.28 -3.93 -10.44
N ILE A 18 4.36 -3.21 -10.25
CA ILE A 18 5.35 -3.58 -9.19
C ILE A 18 5.59 -2.18 -8.59
N ILE A 19 5.06 -1.93 -7.43
CA ILE A 19 5.05 -0.64 -6.76
C ILE A 19 6.22 -0.46 -5.80
N LEU A 20 6.72 0.74 -5.74
CA LEU A 20 7.78 1.10 -4.78
C LEU A 20 7.13 2.09 -3.82
N GLN A 21 7.16 1.85 -2.53
CA GLN A 21 6.65 2.87 -1.56
C GLN A 21 7.78 3.90 -1.60
N GLY A 22 7.53 5.05 -2.21
CA GLY A 22 8.56 6.09 -2.32
C GLY A 22 8.92 6.90 -1.12
N PHE A 23 9.02 6.43 0.13
CA PHE A 23 9.35 7.30 1.28
C PHE A 23 9.30 6.40 2.56
N HIS A 24 9.77 6.87 3.66
CA HIS A 24 9.73 6.16 5.00
C HIS A 24 9.14 7.18 5.98
N TRP A 25 8.86 6.87 7.24
CA TRP A 25 8.23 7.90 8.09
C TRP A 25 9.00 9.16 8.43
N ASN A 26 10.34 9.08 8.51
CA ASN A 26 11.13 10.16 8.98
C ASN A 26 11.75 10.99 7.90
N VAL A 27 11.23 11.00 6.72
CA VAL A 27 11.88 11.77 5.66
C VAL A 27 11.89 13.28 5.92
N VAL A 28 10.79 13.80 6.39
CA VAL A 28 10.61 15.23 6.64
C VAL A 28 11.64 15.72 7.67
N ARG A 29 12.16 14.79 8.40
CA ARG A 29 13.10 14.95 9.50
C ARG A 29 14.52 14.69 9.03
N GLU A 30 14.61 13.62 8.24
CA GLU A 30 15.92 13.26 7.70
C GLU A 30 16.30 14.13 6.53
N ALA A 31 15.48 14.36 5.53
CA ALA A 31 15.83 15.20 4.36
C ALA A 31 14.76 16.28 4.24
N PRO A 32 14.74 17.16 5.25
CA PRO A 32 13.83 18.30 5.35
C PRO A 32 13.82 19.12 4.05
N ASN A 33 12.62 19.24 3.52
CA ASN A 33 12.42 19.96 2.27
C ASN A 33 13.22 19.46 1.07
N ASP A 34 13.90 18.34 1.09
CA ASP A 34 14.68 17.97 -0.15
C ASP A 34 14.18 16.68 -0.72
N TRP A 35 13.10 16.14 -0.20
CA TRP A 35 12.61 14.83 -0.61
C TRP A 35 12.26 14.71 -2.07
N TYR A 36 11.60 15.71 -2.65
CA TYR A 36 11.28 15.63 -4.08
C TYR A 36 12.54 15.76 -4.93
N ASN A 37 13.60 16.43 -4.53
CA ASN A 37 14.83 16.54 -5.36
C ASN A 37 15.58 15.22 -5.41
N ILE A 38 15.60 14.52 -4.30
CA ILE A 38 16.18 13.21 -4.14
C ILE A 38 15.45 12.27 -5.11
N LEU A 39 14.12 12.28 -5.10
CA LEU A 39 13.35 11.42 -5.99
C LEU A 39 13.59 11.86 -7.43
N ARG A 40 13.82 13.11 -7.71
CA ARG A 40 13.99 13.49 -9.14
C ARG A 40 15.32 12.92 -9.62
N GLN A 41 16.28 12.97 -8.70
CA GLN A 41 17.62 12.44 -8.92
C GLN A 41 17.63 10.92 -8.98
N GLN A 42 16.73 10.19 -8.37
CA GLN A 42 16.70 8.73 -8.44
C GLN A 42 15.76 8.14 -9.48
N ALA A 43 14.89 8.94 -10.05
CA ALA A 43 13.89 8.43 -11.00
C ALA A 43 14.42 7.44 -11.99
N ALA A 44 15.60 7.68 -12.51
CA ALA A 44 16.29 6.82 -13.48
C ALA A 44 16.60 5.48 -12.84
N THR A 45 17.06 5.46 -11.61
CA THR A 45 17.42 4.27 -10.82
C THR A 45 16.17 3.45 -10.56
N ILE A 46 15.20 4.14 -9.97
CA ILE A 46 13.91 3.52 -9.67
C ILE A 46 13.39 2.78 -10.89
N ALA A 47 13.43 3.43 -12.02
CA ALA A 47 12.97 2.85 -13.31
C ALA A 47 13.82 1.68 -13.74
N ALA A 48 15.15 1.84 -13.64
CA ALA A 48 16.05 0.73 -13.97
C ALA A 48 15.88 -0.46 -13.01
N ASP A 49 15.61 -0.34 -11.77
CA ASP A 49 15.39 -1.36 -10.73
C ASP A 49 14.12 -2.16 -11.05
N GLY A 50 13.30 -1.62 -11.98
CA GLY A 50 12.14 -2.52 -12.30
C GLY A 50 10.82 -2.06 -11.83
N PHE A 51 10.74 -1.01 -11.01
CA PHE A 51 9.35 -0.57 -10.57
C PHE A 51 8.58 0.01 -11.73
N SER A 52 7.23 -0.20 -11.65
CA SER A 52 6.30 0.27 -12.63
C SER A 52 5.53 1.48 -12.11
N ALA A 53 5.46 1.61 -10.82
CA ALA A 53 4.73 2.68 -10.14
C ALA A 53 5.51 2.98 -8.89
N ILE A 54 5.26 4.06 -8.29
CA ILE A 54 5.81 4.60 -7.08
C ILE A 54 4.68 5.24 -6.27
N TRP A 55 4.73 4.90 -4.97
CA TRP A 55 3.71 5.49 -4.06
C TRP A 55 4.37 6.69 -3.40
N MET A 56 3.89 7.84 -3.85
CA MET A 56 4.30 9.13 -3.27
C MET A 56 3.63 9.44 -1.91
N PRO A 57 4.35 10.19 -1.07
CA PRO A 57 3.87 10.71 0.20
C PRO A 57 2.70 11.65 -0.04
N VAL A 58 1.95 12.06 1.01
CA VAL A 58 0.81 12.98 0.84
C VAL A 58 1.35 14.30 0.31
N PRO A 59 0.69 14.80 -0.78
CA PRO A 59 1.14 16.02 -1.42
C PRO A 59 0.70 17.28 -0.70
N TRP A 60 -0.38 17.22 0.03
CA TRP A 60 -0.99 18.24 0.88
C TRP A 60 -0.15 18.51 2.11
N ARG A 61 0.21 19.77 2.18
CA ARG A 61 1.07 20.37 3.18
C ARG A 61 0.62 20.06 4.57
N ASP A 62 1.57 19.66 5.40
CA ASP A 62 1.35 19.29 6.81
C ASP A 62 2.40 19.93 7.68
N PHE A 63 1.98 20.83 8.58
CA PHE A 63 3.00 21.45 9.47
C PHE A 63 2.59 21.18 10.94
N SER A 64 2.00 20.05 11.18
CA SER A 64 1.55 19.61 12.52
C SER A 64 2.81 19.24 13.31
N SER A 65 2.74 19.11 14.60
CA SER A 65 3.79 18.76 15.54
C SER A 65 3.11 18.18 16.80
N TRP A 66 3.81 17.34 17.53
CA TRP A 66 3.27 16.70 18.73
C TRP A 66 4.35 16.10 19.63
N SER A 67 4.31 16.53 20.89
CA SER A 67 5.26 16.05 21.93
C SER A 67 4.52 16.01 23.27
N ASP A 68 5.28 15.52 24.26
CA ASP A 68 4.80 15.39 25.65
C ASP A 68 5.92 14.86 26.58
N GLY A 69 6.67 13.95 25.95
CA GLY A 69 7.79 13.25 26.57
C GLY A 69 8.58 12.42 25.56
N SER A 70 9.71 13.02 25.26
CA SER A 70 10.74 12.51 24.33
C SER A 70 10.20 11.37 23.48
N LYS A 71 9.81 11.82 22.29
CA LYS A 71 9.18 11.03 21.23
C LYS A 71 8.18 12.00 20.57
N SER A 72 8.54 12.48 19.40
CA SER A 72 7.70 13.42 18.65
C SER A 72 7.33 12.96 17.24
N GLY A 73 6.66 13.90 16.55
CA GLY A 73 6.25 13.62 15.14
C GLY A 73 5.56 14.86 14.55
N GLY A 74 5.15 14.69 13.30
CA GLY A 74 4.46 15.70 12.53
C GLY A 74 5.09 16.09 11.22
N GLY A 75 4.19 16.57 10.38
CA GLY A 75 4.45 17.08 9.07
C GLY A 75 4.59 16.07 7.96
N GLU A 76 4.31 14.81 8.22
CA GLU A 76 4.41 13.73 7.27
C GLU A 76 3.34 13.63 6.22
N GLY A 77 2.26 14.33 6.44
CA GLY A 77 1.10 14.43 5.60
C GLY A 77 -0.25 13.89 6.03
N TYR A 78 -0.38 13.14 7.10
CA TYR A 78 -1.63 12.48 7.53
C TYR A 78 -2.54 13.37 8.36
N PHE A 79 -2.01 14.53 8.59
CA PHE A 79 -2.66 15.60 9.32
C PHE A 79 -2.36 16.93 8.63
N TRP A 80 -2.64 16.96 7.31
CA TRP A 80 -2.52 18.09 6.42
C TRP A 80 -3.59 19.16 6.76
N HIS A 81 -3.33 20.40 6.41
CA HIS A 81 -4.27 21.52 6.64
C HIS A 81 -4.83 22.18 5.37
N ASP A 82 -4.23 21.95 4.22
CA ASP A 82 -4.47 22.49 2.93
C ASP A 82 -4.10 21.61 1.72
N PHE A 83 -4.70 21.98 0.59
CA PHE A 83 -4.25 21.29 -0.64
C PHE A 83 -2.98 21.97 -1.16
N ASN A 84 -2.49 23.03 -0.54
CA ASN A 84 -1.22 23.64 -1.01
C ASN A 84 -0.14 22.53 -0.92
N LYS A 85 0.65 22.42 -1.95
CA LYS A 85 1.75 21.48 -2.14
C LYS A 85 3.07 21.90 -1.53
N ASN A 86 3.12 22.99 -0.80
CA ASN A 86 4.33 23.46 -0.13
C ASN A 86 4.78 22.57 1.05
N GLY A 87 5.99 22.86 1.43
CA GLY A 87 6.84 22.41 2.49
C GLY A 87 6.73 20.99 2.98
N ARG A 88 7.76 20.66 3.72
CA ARG A 88 8.07 19.40 4.40
C ARG A 88 8.77 18.48 3.42
N TYR A 89 8.12 18.12 2.33
CA TYR A 89 8.78 17.23 1.37
C TYR A 89 9.41 18.03 0.22
N GLY A 90 8.92 19.21 0.04
CA GLY A 90 9.48 20.05 -1.06
C GLY A 90 8.32 20.97 -1.49
N SER A 91 8.63 21.81 -2.40
CA SER A 91 7.80 22.79 -3.03
C SER A 91 7.04 22.13 -4.18
N ASP A 92 6.02 22.90 -4.46
CA ASP A 92 5.09 22.57 -5.53
C ASP A 92 5.87 22.45 -6.85
N ALA A 93 6.93 23.26 -6.99
CA ALA A 93 7.68 23.24 -8.24
C ALA A 93 8.54 22.00 -8.33
N GLN A 94 9.18 21.64 -7.24
CA GLN A 94 10.00 20.42 -7.18
C GLN A 94 9.06 19.23 -7.28
N LEU A 95 7.79 19.40 -6.82
CA LEU A 95 6.87 18.23 -6.92
C LEU A 95 6.67 17.93 -8.40
N ARG A 96 6.42 19.05 -9.07
CA ARG A 96 6.16 18.93 -10.55
C ARG A 96 7.39 18.36 -11.20
N GLN A 97 8.58 18.78 -10.88
CA GLN A 97 9.78 18.18 -11.54
C GLN A 97 9.89 16.69 -11.15
N ALA A 98 9.67 16.45 -9.85
CA ALA A 98 9.74 15.05 -9.40
C ALA A 98 8.84 14.17 -10.24
N ALA A 99 7.55 14.45 -10.34
CA ALA A 99 6.55 13.70 -11.07
C ALA A 99 6.79 13.64 -12.55
N SER A 100 7.35 14.70 -13.08
CA SER A 100 7.71 14.82 -14.50
C SER A 100 8.89 13.95 -14.82
N ALA A 101 9.85 13.85 -13.93
CA ALA A 101 11.04 13.00 -14.09
C ALA A 101 10.68 11.53 -13.89
N LEU A 102 9.85 11.19 -12.94
CA LEU A 102 9.40 9.81 -12.65
C LEU A 102 8.64 9.22 -13.84
N GLY A 103 7.60 9.97 -14.20
CA GLY A 103 6.72 9.68 -15.30
C GLY A 103 7.51 9.60 -16.60
N GLY A 104 8.49 10.48 -16.72
CA GLY A 104 9.37 10.46 -17.91
C GLY A 104 10.21 9.21 -18.03
N ALA A 105 10.49 8.54 -16.91
CA ALA A 105 11.26 7.28 -16.90
C ALA A 105 10.33 6.08 -16.94
N GLY A 106 9.03 6.28 -17.15
CA GLY A 106 8.08 5.18 -17.22
C GLY A 106 7.52 4.68 -15.94
N VAL A 107 7.60 5.42 -14.83
CA VAL A 107 7.07 5.02 -13.55
C VAL A 107 5.77 5.78 -13.25
N LYS A 108 4.66 5.15 -13.03
CA LYS A 108 3.41 5.88 -12.71
C LYS A 108 3.49 6.57 -11.36
N VAL A 109 2.85 7.69 -11.13
CA VAL A 109 3.00 8.28 -9.75
C VAL A 109 1.69 8.05 -9.04
N LEU A 110 1.75 7.40 -7.88
CA LEU A 110 0.47 7.12 -7.18
C LEU A 110 0.43 8.10 -6.03
N TYR A 111 -0.65 8.84 -5.80
CA TYR A 111 -0.52 9.79 -4.65
C TYR A 111 -1.19 9.22 -3.43
N ASP A 112 -0.62 9.52 -2.29
CA ASP A 112 -1.26 9.09 -1.02
C ASP A 112 -2.31 10.17 -0.76
N VAL A 113 -3.55 9.77 -0.53
CA VAL A 113 -4.62 10.73 -0.25
C VAL A 113 -5.28 10.37 1.12
N VAL A 114 -5.50 11.41 1.90
CA VAL A 114 -6.04 11.48 3.18
C VAL A 114 -7.35 12.26 3.41
N PRO A 115 -8.43 11.70 2.92
CA PRO A 115 -9.76 12.25 3.02
C PRO A 115 -10.52 12.21 4.31
N ASN A 116 -10.09 11.41 5.27
CA ASN A 116 -10.92 11.21 6.46
C ASN A 116 -10.98 12.45 7.33
N HIS A 117 -9.87 13.16 7.43
CA HIS A 117 -9.79 14.31 8.33
C HIS A 117 -8.73 15.29 7.90
N MET A 118 -8.66 16.39 8.66
CA MET A 118 -7.70 17.45 8.37
C MET A 118 -7.38 18.23 9.62
N ASN A 119 -6.29 18.96 9.54
CA ASN A 119 -5.81 19.78 10.68
C ASN A 119 -6.69 21.04 10.76
N ARG A 120 -7.84 20.78 11.31
CA ARG A 120 -8.94 21.63 11.60
C ARG A 120 -8.50 22.89 12.35
N GLY A 121 -7.79 22.67 13.45
CA GLY A 121 -7.33 23.81 14.25
C GLY A 121 -6.04 24.45 13.79
N TYR A 122 -5.60 24.32 12.57
CA TYR A 122 -4.32 24.96 12.14
C TYR A 122 -4.69 26.39 11.77
N PRO A 123 -3.85 27.32 12.22
CA PRO A 123 -4.07 28.76 12.02
C PRO A 123 -4.09 29.21 10.57
N ASP A 124 -2.91 29.39 9.99
CA ASP A 124 -2.73 29.80 8.61
C ASP A 124 -2.92 28.62 7.67
N LYS A 125 -4.13 28.51 7.14
CA LYS A 125 -4.52 27.45 6.19
C LYS A 125 -5.53 28.03 5.21
N GLU A 126 -5.63 27.57 4.00
CA GLU A 126 -6.49 27.96 2.90
C GLU A 126 -7.91 27.37 2.83
N ILE A 127 -8.17 26.35 3.61
CA ILE A 127 -9.48 25.69 3.62
C ILE A 127 -10.13 25.89 4.99
N ASN A 128 -11.25 26.61 5.01
CA ASN A 128 -11.91 26.82 6.31
C ASN A 128 -13.40 26.43 6.18
N LEU A 129 -13.72 25.35 6.83
CA LEU A 129 -15.03 24.73 6.91
C LEU A 129 -15.59 24.96 8.31
N PRO A 130 -16.59 25.84 8.36
CA PRO A 130 -17.26 26.21 9.59
C PRO A 130 -17.99 25.06 10.26
N ALA A 131 -18.25 25.28 11.56
CA ALA A 131 -19.02 24.31 12.36
C ALA A 131 -20.52 24.64 12.07
N GLY A 132 -21.33 23.66 12.36
CA GLY A 132 -22.79 23.81 12.13
C GLY A 132 -23.03 24.26 10.70
N GLN A 133 -23.14 23.32 9.79
CA GLN A 133 -23.32 23.52 8.35
C GLN A 133 -23.26 22.11 7.70
N GLY A 134 -22.93 21.18 8.60
CA GLY A 134 -22.80 19.75 8.39
C GLY A 134 -21.53 19.30 7.69
N PHE A 135 -20.44 20.04 7.78
CA PHE A 135 -19.18 19.68 7.09
C PHE A 135 -18.33 18.70 7.86
N TRP A 136 -18.53 18.70 9.15
CA TRP A 136 -17.79 17.90 10.12
C TRP A 136 -18.60 16.80 10.74
N ARG A 137 -17.88 15.78 11.18
CA ARG A 137 -18.46 14.62 11.85
C ARG A 137 -19.08 15.06 13.19
N ASN A 138 -18.25 15.89 13.88
CA ASN A 138 -18.72 16.35 15.19
C ASN A 138 -19.90 17.31 15.10
N ASP A 139 -20.37 17.65 13.94
CA ASP A 139 -21.55 18.54 13.82
C ASP A 139 -22.75 17.69 14.27
N CYS A 140 -22.64 16.36 14.27
CA CYS A 140 -23.70 15.45 14.68
C CYS A 140 -23.33 14.85 16.06
N ALA A 141 -24.23 14.11 16.64
CA ALA A 141 -24.00 13.41 17.93
C ALA A 141 -22.93 12.35 17.61
N ASP A 142 -21.97 12.22 18.47
CA ASP A 142 -20.84 11.29 18.30
C ASP A 142 -20.68 10.41 19.54
N PRO A 143 -21.54 9.39 19.57
CA PRO A 143 -21.60 8.40 20.63
C PRO A 143 -20.32 7.61 20.85
N GLY A 144 -19.63 7.34 19.75
CA GLY A 144 -18.38 6.56 19.82
C GLY A 144 -17.79 6.34 18.44
N ASN A 145 -16.67 5.62 18.45
CA ASN A 145 -15.96 5.34 17.18
C ASN A 145 -16.84 4.40 16.36
N TYR A 146 -17.93 5.04 15.95
CA TYR A 146 -18.93 4.32 15.08
C TYR A 146 -19.48 5.41 14.18
N PRO A 147 -20.03 5.10 13.02
CA PRO A 147 -20.63 6.05 12.11
C PRO A 147 -21.81 6.80 12.77
N ASN A 148 -21.82 8.09 12.48
CA ASN A 148 -22.88 9.00 13.00
C ASN A 148 -23.50 9.61 11.75
N ASP A 149 -24.46 10.48 11.87
CA ASP A 149 -25.19 11.08 10.74
C ASP A 149 -24.30 12.05 9.94
N CYS A 150 -23.16 12.35 10.46
CA CYS A 150 -22.21 13.29 9.84
C CYS A 150 -20.92 12.65 9.35
N ASP A 151 -20.82 11.35 9.28
CA ASP A 151 -19.64 10.57 8.90
C ASP A 151 -20.01 9.08 8.88
N ASP A 152 -20.14 8.51 7.73
CA ASP A 152 -20.51 7.10 7.53
C ASP A 152 -19.32 6.16 7.72
N GLY A 153 -18.33 6.53 8.53
CA GLY A 153 -17.18 5.63 8.76
C GLY A 153 -16.65 5.90 10.19
N ASP A 154 -15.58 5.26 10.56
CA ASP A 154 -14.93 5.41 11.87
C ASP A 154 -14.29 6.79 11.85
N ARG A 155 -13.84 7.10 13.03
CA ARG A 155 -13.21 8.37 13.32
C ARG A 155 -11.74 8.24 13.64
N PHE A 156 -11.04 9.31 13.60
CA PHE A 156 -9.62 9.44 13.83
C PHE A 156 -9.42 9.98 15.23
N ILE A 157 -8.83 9.14 16.09
CA ILE A 157 -8.65 9.62 17.48
C ILE A 157 -10.02 10.04 18.01
N GLY A 158 -10.04 11.27 18.47
CA GLY A 158 -11.24 11.87 19.03
C GLY A 158 -12.36 11.98 18.04
N GLY A 159 -12.04 12.32 16.79
CA GLY A 159 -13.04 12.47 15.74
C GLY A 159 -13.51 13.92 15.63
N ASP A 160 -12.75 14.84 16.16
CA ASP A 160 -13.00 16.29 16.09
C ASP A 160 -12.48 16.87 14.77
N ALA A 161 -11.63 16.07 14.10
CA ALA A 161 -11.05 16.50 12.84
C ALA A 161 -11.63 15.76 11.64
N ASP A 162 -12.53 14.84 11.86
CA ASP A 162 -13.21 14.06 10.84
C ASP A 162 -14.19 14.88 9.98
N LEU A 163 -14.03 14.81 8.65
CA LEU A 163 -14.92 15.51 7.72
C LEU A 163 -16.14 14.61 7.44
N ASN A 164 -17.20 15.24 6.97
CA ASN A 164 -18.42 14.47 6.56
C ASN A 164 -18.16 14.28 5.08
N THR A 165 -17.29 13.32 4.76
CA THR A 165 -16.92 13.16 3.34
C THR A 165 -18.05 12.98 2.40
N GLY A 166 -19.26 12.74 2.84
CA GLY A 166 -20.51 12.54 2.19
C GLY A 166 -21.22 13.88 1.86
N HIS A 167 -20.82 14.93 2.56
CA HIS A 167 -21.37 16.28 2.29
C HIS A 167 -20.99 16.61 0.89
N PRO A 168 -22.00 16.90 0.06
CA PRO A 168 -21.82 17.18 -1.39
C PRO A 168 -20.66 18.11 -1.69
N GLN A 169 -20.51 19.05 -0.82
CA GLN A 169 -19.53 20.07 -0.85
C GLN A 169 -18.17 19.59 -0.37
N VAL A 170 -18.13 18.62 0.56
CA VAL A 170 -16.84 18.12 1.00
C VAL A 170 -16.39 17.04 -0.02
N TYR A 171 -17.38 16.36 -0.54
CA TYR A 171 -17.13 15.36 -1.58
C TYR A 171 -16.55 15.94 -2.86
N GLY A 172 -17.17 16.99 -3.37
CA GLY A 172 -16.77 17.71 -4.61
C GLY A 172 -15.41 18.36 -4.47
N MET A 173 -15.09 18.78 -3.29
CA MET A 173 -13.78 19.37 -2.94
C MET A 173 -12.67 18.34 -3.20
N PHE A 174 -12.86 17.15 -2.68
CA PHE A 174 -11.86 16.11 -2.82
C PHE A 174 -11.77 15.70 -4.28
N ARG A 175 -12.90 15.55 -4.91
CA ARG A 175 -13.04 15.15 -6.29
C ARG A 175 -12.27 16.12 -7.20
N ASP A 176 -12.36 17.40 -6.96
CA ASP A 176 -11.67 18.43 -7.76
C ASP A 176 -10.19 18.34 -7.56
N GLU A 177 -9.83 18.14 -6.28
CA GLU A 177 -8.41 17.98 -5.93
C GLU A 177 -7.84 16.74 -6.61
N PHE A 178 -8.56 15.65 -6.66
CA PHE A 178 -8.08 14.44 -7.31
C PHE A 178 -7.80 14.64 -8.80
N THR A 179 -8.67 15.35 -9.47
CA THR A 179 -8.61 15.66 -10.88
C THR A 179 -7.45 16.59 -11.15
N ASN A 180 -7.26 17.48 -10.26
CA ASN A 180 -6.18 18.44 -10.22
C ASN A 180 -4.82 17.73 -10.20
N LEU A 181 -4.76 16.75 -9.34
CA LEU A 181 -3.53 15.96 -9.11
C LEU A 181 -3.20 15.20 -10.36
N ARG A 182 -4.26 14.84 -11.06
CA ARG A 182 -4.18 14.09 -12.33
C ARG A 182 -3.85 14.93 -13.53
N SER A 183 -4.47 16.11 -13.63
CA SER A 183 -4.12 16.93 -14.83
C SER A 183 -2.86 17.77 -14.71
N GLN A 184 -2.43 18.14 -13.55
CA GLN A 184 -1.30 18.95 -13.26
C GLN A 184 -0.14 18.37 -12.48
N TYR A 185 -0.27 17.21 -11.87
CA TYR A 185 0.79 16.62 -11.08
C TYR A 185 1.13 15.19 -11.48
N GLY A 186 0.71 14.81 -12.61
CA GLY A 186 0.80 13.59 -13.34
C GLY A 186 0.36 12.38 -12.55
N ALA A 187 -0.60 12.57 -11.65
CA ALA A 187 -1.00 11.35 -10.88
C ALA A 187 -1.44 10.25 -11.83
N GLY A 188 -1.01 9.02 -11.57
CA GLY A 188 -1.43 7.84 -12.34
C GLY A 188 -2.40 7.02 -11.51
N GLY A 189 -2.59 7.38 -10.25
CA GLY A 189 -3.46 6.56 -9.36
C GLY A 189 -3.42 7.15 -7.94
N PHE A 190 -4.22 6.59 -7.09
CA PHE A 190 -4.36 6.99 -5.71
C PHE A 190 -4.25 5.83 -4.69
N ARG A 191 -3.66 6.20 -3.59
CA ARG A 191 -3.52 5.26 -2.44
C ARG A 191 -4.34 5.92 -1.30
N PHE A 192 -5.50 5.34 -0.98
CA PHE A 192 -6.41 5.88 0.01
C PHE A 192 -5.98 5.49 1.44
N ASP A 193 -5.95 6.54 2.25
CA ASP A 193 -5.57 6.31 3.65
C ASP A 193 -6.85 6.19 4.49
N PHE A 194 -6.75 5.25 5.41
CA PHE A 194 -7.69 5.03 6.49
C PHE A 194 -9.14 4.97 6.04
N VAL A 195 -9.39 4.10 5.20
CA VAL A 195 -10.45 3.55 4.41
C VAL A 195 -11.59 3.12 5.29
N ARG A 196 -11.36 2.85 6.56
CA ARG A 196 -12.38 2.54 7.54
C ARG A 196 -13.06 3.80 8.01
N GLY A 197 -12.46 4.98 7.58
CA GLY A 197 -13.06 6.20 8.03
C GLY A 197 -14.25 6.65 7.20
N TYR A 198 -14.56 6.01 6.09
CA TYR A 198 -15.65 6.63 5.26
C TYR A 198 -16.17 5.54 4.37
N ALA A 199 -17.33 5.61 3.76
CA ALA A 199 -17.85 4.51 2.93
C ALA A 199 -16.93 4.07 1.80
N PRO A 200 -16.84 2.75 1.55
CA PRO A 200 -16.01 2.24 0.44
C PRO A 200 -16.55 2.71 -0.91
N GLU A 201 -17.84 2.92 -0.97
CA GLU A 201 -18.63 3.25 -2.14
C GLU A 201 -18.31 4.64 -2.67
N ARG A 202 -17.86 5.44 -1.71
CA ARG A 202 -17.43 6.79 -2.00
C ARG A 202 -16.10 6.76 -2.76
N VAL A 203 -15.29 5.74 -2.42
CA VAL A 203 -13.95 5.63 -3.10
C VAL A 203 -14.21 5.31 -4.59
N ASN A 204 -15.19 4.48 -4.85
CA ASN A 204 -15.55 4.13 -6.23
C ASN A 204 -16.07 5.45 -6.88
N SER A 205 -16.81 6.20 -6.09
CA SER A 205 -17.39 7.46 -6.56
C SER A 205 -16.23 8.34 -7.05
N TRP A 206 -15.35 8.62 -6.15
CA TRP A 206 -14.14 9.42 -6.44
C TRP A 206 -13.37 8.90 -7.64
N MET A 207 -13.22 7.61 -7.79
CA MET A 207 -12.40 7.03 -8.88
C MET A 207 -13.15 7.17 -10.20
N THR A 208 -14.46 6.94 -10.19
CA THR A 208 -15.30 7.08 -11.41
C THR A 208 -15.32 8.49 -11.93
N ASP A 209 -15.41 9.49 -11.03
CA ASP A 209 -15.42 10.87 -11.39
C ASP A 209 -14.07 11.45 -11.84
N SER A 210 -13.00 11.05 -11.20
CA SER A 210 -11.64 11.58 -11.42
C SER A 210 -10.59 10.77 -12.18
N ALA A 211 -10.56 9.46 -12.16
CA ALA A 211 -9.46 8.68 -12.79
C ALA A 211 -9.94 7.25 -12.89
N ASP A 212 -11.07 7.09 -13.55
CA ASP A 212 -11.71 5.82 -13.67
C ASP A 212 -10.80 4.68 -14.08
N ASN A 213 -9.79 4.98 -14.89
CA ASN A 213 -8.92 3.97 -15.43
C ASN A 213 -7.53 3.83 -14.82
N SER A 214 -7.31 4.59 -13.79
CA SER A 214 -6.07 4.61 -13.02
C SER A 214 -6.09 3.43 -12.03
N PHE A 215 -4.97 3.35 -11.35
CA PHE A 215 -4.69 2.38 -10.30
C PHE A 215 -5.17 2.96 -8.96
N CYS A 216 -5.74 2.11 -8.13
CA CYS A 216 -6.10 2.54 -6.76
C CYS A 216 -5.78 1.40 -5.77
N VAL A 217 -5.51 1.79 -4.51
CA VAL A 217 -5.31 0.86 -3.45
C VAL A 217 -5.81 1.50 -2.15
N GLY A 218 -6.47 0.68 -1.38
CA GLY A 218 -6.97 1.19 -0.09
C GLY A 218 -6.26 0.43 1.02
N GLN A 219 -6.03 1.15 2.14
CA GLN A 219 -5.44 0.53 3.30
C GLN A 219 -6.54 0.42 4.38
N LEU A 220 -6.96 -0.84 4.52
CA LEU A 220 -7.96 -1.15 5.50
C LEU A 220 -7.28 -1.99 6.58
N TRP A 221 -7.01 -1.34 7.70
CA TRP A 221 -6.34 -2.00 8.83
C TRP A 221 -7.32 -2.01 9.99
N LYS A 222 -8.09 -3.07 10.03
CA LYS A 222 -9.14 -3.25 11.05
C LYS A 222 -9.42 -4.74 11.18
N GLY A 223 -9.08 -5.36 12.26
CA GLY A 223 -9.27 -6.77 12.52
C GLY A 223 -10.69 -7.07 12.95
N PRO A 224 -11.05 -8.32 12.91
CA PRO A 224 -12.40 -8.82 13.24
C PRO A 224 -12.88 -8.36 14.60
N SER A 225 -12.06 -8.41 15.63
CA SER A 225 -12.40 -7.95 16.97
C SER A 225 -12.70 -6.46 17.05
N GLU A 226 -12.64 -5.68 15.98
CA GLU A 226 -12.94 -4.24 16.10
C GLU A 226 -14.32 -3.85 15.64
N TYR A 227 -15.02 -4.84 15.13
CA TYR A 227 -16.39 -4.73 14.64
C TYR A 227 -17.33 -5.12 15.78
N PRO A 228 -18.53 -4.58 15.76
CA PRO A 228 -19.51 -4.95 16.80
C PRO A 228 -19.75 -6.46 16.75
N ASN A 229 -20.19 -7.01 17.86
CA ASN A 229 -20.48 -8.43 18.00
C ASN A 229 -21.55 -8.96 17.07
N TRP A 230 -22.42 -8.05 16.71
CA TRP A 230 -23.51 -8.50 15.83
C TRP A 230 -23.17 -8.44 14.36
N ASP A 231 -22.06 -7.76 14.06
CA ASP A 231 -21.58 -7.59 12.68
C ASP A 231 -20.93 -8.89 12.20
N TRP A 232 -21.20 -9.29 10.98
CA TRP A 232 -20.70 -10.53 10.37
C TRP A 232 -19.17 -10.61 10.33
N ARG A 233 -18.57 -9.44 10.29
CA ARG A 233 -17.11 -9.29 10.21
C ARG A 233 -16.41 -9.49 11.52
N ASN A 234 -17.20 -9.60 12.61
CA ASN A 234 -16.59 -9.80 13.93
C ASN A 234 -16.13 -11.26 14.05
N THR A 235 -16.58 -12.11 13.11
CA THR A 235 -16.21 -13.51 13.16
C THR A 235 -15.67 -14.06 11.86
N ALA A 236 -15.47 -13.13 10.96
CA ALA A 236 -14.92 -13.43 9.63
C ALA A 236 -13.38 -13.40 9.87
N SER A 237 -12.75 -13.79 8.81
CA SER A 237 -11.33 -13.83 8.55
C SER A 237 -10.97 -12.43 8.07
N TRP A 238 -9.69 -12.19 8.21
CA TRP A 238 -9.06 -10.95 7.76
C TRP A 238 -9.24 -10.77 6.25
N GLN A 239 -9.14 -11.82 5.49
CA GLN A 239 -9.28 -11.88 4.05
C GLN A 239 -10.70 -11.50 3.64
N GLN A 240 -11.67 -11.90 4.43
CA GLN A 240 -13.07 -11.63 4.04
C GLN A 240 -13.36 -10.16 4.21
N ILE A 241 -12.90 -9.60 5.30
CA ILE A 241 -13.05 -8.19 5.65
C ILE A 241 -12.49 -7.30 4.54
N ILE A 242 -11.31 -7.62 4.08
CA ILE A 242 -10.47 -6.93 3.08
C ILE A 242 -11.06 -7.03 1.71
N LYS A 243 -11.60 -8.17 1.33
CA LYS A 243 -12.19 -8.46 0.03
C LYS A 243 -13.55 -7.76 -0.05
N ASP A 244 -14.27 -7.75 1.03
CA ASP A 244 -15.57 -7.03 0.99
C ASP A 244 -15.33 -5.56 0.66
N TRP A 245 -14.38 -4.92 1.26
CA TRP A 245 -14.01 -3.54 1.03
C TRP A 245 -13.68 -3.29 -0.42
N SER A 246 -12.90 -4.19 -0.99
CA SER A 246 -12.48 -4.15 -2.40
C SER A 246 -13.67 -4.32 -3.31
N ASP A 247 -14.57 -5.22 -2.99
CA ASP A 247 -15.78 -5.45 -3.78
C ASP A 247 -16.56 -4.18 -3.96
N ARG A 248 -16.68 -3.37 -2.91
CA ARG A 248 -17.42 -2.11 -2.94
C ARG A 248 -16.73 -0.86 -3.44
N ALA A 249 -15.45 -0.74 -3.20
CA ALA A 249 -14.68 0.45 -3.59
C ALA A 249 -14.15 0.33 -5.00
N LYS A 250 -14.20 -0.84 -5.55
CA LYS A 250 -13.72 -1.30 -6.83
C LYS A 250 -12.23 -0.95 -7.02
N CYS A 251 -11.40 -1.16 -6.01
CA CYS A 251 -9.97 -0.94 -5.96
C CYS A 251 -9.28 -2.11 -5.25
N PRO A 252 -8.09 -2.46 -5.68
CA PRO A 252 -7.32 -3.44 -4.89
C PRO A 252 -7.21 -2.91 -3.41
N VAL A 253 -6.83 -3.83 -2.51
CA VAL A 253 -6.69 -3.53 -1.03
C VAL A 253 -5.41 -4.20 -0.54
N PHE A 254 -4.70 -3.48 0.33
CA PHE A 254 -3.47 -3.95 0.96
C PHE A 254 -3.90 -5.24 1.65
N ASP A 255 -3.16 -6.31 1.44
CA ASP A 255 -3.31 -7.64 2.00
C ASP A 255 -2.91 -7.64 3.47
N PHE A 256 -3.78 -7.15 4.33
CA PHE A 256 -3.54 -7.22 5.76
C PHE A 256 -3.71 -8.67 6.30
N ALA A 257 -4.33 -9.56 5.62
CA ALA A 257 -4.48 -10.99 6.02
C ALA A 257 -3.09 -11.58 5.88
N LEU A 258 -2.32 -11.43 4.82
CA LEU A 258 -0.94 -11.90 4.80
C LEU A 258 -0.04 -11.18 5.82
N LYS A 259 -0.15 -9.93 6.15
CA LYS A 259 0.63 -9.18 7.11
C LYS A 259 0.41 -9.79 8.47
N GLU A 260 -0.84 -10.09 8.79
CA GLU A 260 -1.26 -10.73 10.03
C GLU A 260 -0.68 -12.12 10.14
N ARG A 261 -0.64 -12.89 9.07
CA ARG A 261 -0.02 -14.22 9.08
C ARG A 261 1.52 -14.07 9.14
N MET A 262 2.17 -13.02 8.61
CA MET A 262 3.61 -12.85 8.67
C MET A 262 4.06 -12.58 10.09
N GLN A 263 3.33 -11.71 10.75
CA GLN A 263 3.46 -11.28 12.12
C GLN A 263 3.04 -12.32 13.15
N ASN A 264 1.98 -13.07 12.94
CA ASN A 264 1.49 -14.01 13.95
C ASN A 264 1.64 -15.45 13.62
N GLY A 265 1.64 -15.88 12.39
CA GLY A 265 1.74 -17.33 12.16
C GLY A 265 3.16 -17.76 11.78
N SER A 266 3.15 -18.98 11.15
CA SER A 266 4.45 -19.52 10.69
C SER A 266 4.55 -19.26 9.19
N ILE A 267 5.75 -19.47 8.67
CA ILE A 267 6.00 -19.22 7.25
C ILE A 267 5.03 -20.08 6.47
N ALA A 268 4.73 -21.20 7.07
CA ALA A 268 3.80 -22.17 6.39
C ALA A 268 2.41 -21.58 6.32
N ASP A 269 2.00 -20.84 7.32
CA ASP A 269 0.71 -20.15 7.35
C ASP A 269 0.67 -18.98 6.37
N TRP A 270 1.72 -18.65 5.69
CA TRP A 270 1.69 -17.49 4.77
C TRP A 270 0.70 -17.68 3.60
N LYS A 271 0.28 -18.92 3.42
CA LYS A 271 -0.68 -19.25 2.33
C LYS A 271 -2.08 -18.76 2.64
N HIS A 272 -2.24 -18.14 3.79
CA HIS A 272 -3.52 -17.67 4.26
C HIS A 272 -3.76 -16.17 4.04
N GLY A 273 -2.89 -15.52 3.33
CA GLY A 273 -3.13 -14.08 3.01
C GLY A 273 -4.00 -14.02 1.81
N LEU A 274 -4.51 -12.91 1.40
CA LEU A 274 -5.42 -12.81 0.27
C LEU A 274 -4.89 -13.36 -1.02
N ASN A 275 -3.66 -13.17 -1.34
CA ASN A 275 -2.93 -13.51 -2.53
C ASN A 275 -2.62 -14.97 -2.73
N GLY A 276 -2.97 -15.80 -1.76
CA GLY A 276 -2.77 -17.23 -1.79
C GLY A 276 -4.12 -17.82 -2.21
N ASN A 277 -5.15 -16.98 -2.25
CA ASN A 277 -6.50 -17.41 -2.55
C ASN A 277 -6.69 -18.19 -3.84
N PRO A 278 -7.16 -19.41 -3.72
CA PRO A 278 -7.41 -20.28 -4.86
C PRO A 278 -8.40 -19.68 -5.85
N ASP A 279 -9.06 -18.60 -5.40
CA ASP A 279 -10.02 -17.96 -6.37
C ASP A 279 -9.27 -16.81 -7.02
N PRO A 280 -9.24 -16.77 -8.32
CA PRO A 280 -8.48 -15.66 -8.99
C PRO A 280 -9.03 -14.31 -8.63
N ARG A 281 -10.32 -14.17 -8.47
CA ARG A 281 -11.06 -12.94 -8.24
C ARG A 281 -10.74 -12.33 -6.88
N TRP A 282 -10.30 -13.20 -6.00
CA TRP A 282 -9.91 -12.87 -4.63
C TRP A 282 -8.44 -12.41 -4.54
N ARG A 283 -7.61 -13.26 -4.99
CA ARG A 283 -6.16 -13.20 -5.07
C ARG A 283 -5.65 -11.96 -5.82
N GLU A 284 -6.25 -11.64 -6.94
CA GLU A 284 -5.91 -10.58 -7.87
C GLU A 284 -6.11 -9.16 -7.39
N VAL A 285 -6.91 -8.98 -6.35
CA VAL A 285 -7.12 -7.64 -5.77
C VAL A 285 -6.19 -7.36 -4.60
N ALA A 286 -5.33 -8.30 -4.26
CA ALA A 286 -4.43 -8.14 -3.10
C ALA A 286 -3.23 -7.28 -3.41
N VAL A 287 -2.80 -6.45 -2.52
CA VAL A 287 -1.61 -5.56 -2.58
C VAL A 287 -0.76 -5.95 -1.35
N THR A 288 0.20 -6.78 -1.59
CA THR A 288 1.12 -7.39 -0.66
C THR A 288 2.26 -6.46 -0.34
N PHE A 289 2.65 -6.44 0.91
CA PHE A 289 3.80 -5.64 1.29
C PHE A 289 4.45 -6.47 2.43
N VAL A 290 5.65 -6.03 2.84
CA VAL A 290 6.30 -6.65 3.98
C VAL A 290 6.20 -5.63 5.12
N ASP A 291 6.42 -4.38 4.80
CA ASP A 291 6.29 -3.28 5.82
C ASP A 291 6.10 -1.99 5.02
N ASN A 292 5.49 -1.06 5.70
CA ASN A 292 5.20 0.31 5.31
C ASN A 292 5.71 1.24 6.43
N HIS A 293 5.39 2.50 6.29
CA HIS A 293 5.72 3.62 7.15
C HIS A 293 5.08 3.50 8.51
N ASP A 294 3.95 2.88 8.69
CA ASP A 294 3.24 2.65 9.92
C ASP A 294 3.73 1.35 10.63
N THR A 295 3.63 0.27 9.89
CA THR A 295 4.01 -1.00 10.46
C THR A 295 5.49 -1.16 10.65
N GLY A 296 6.35 -0.64 9.75
CA GLY A 296 7.78 -0.84 9.96
C GLY A 296 8.62 0.17 10.59
N TYR A 297 9.94 -0.04 10.47
CA TYR A 297 10.90 0.94 11.09
C TYR A 297 11.23 1.92 9.98
N SER A 298 11.84 3.02 10.34
CA SER A 298 12.31 4.04 9.38
C SER A 298 13.65 4.52 9.99
N PRO A 299 14.57 4.87 9.12
CA PRO A 299 15.88 5.36 9.63
C PRO A 299 15.56 6.64 10.43
N GLY A 300 16.53 7.05 11.23
CA GLY A 300 16.43 8.29 11.98
C GLY A 300 15.91 8.15 13.38
N GLN A 301 15.00 9.06 13.67
CA GLN A 301 14.25 9.33 14.86
C GLN A 301 13.42 8.24 15.49
N ASN A 302 14.00 7.57 16.46
CA ASN A 302 13.33 6.54 17.26
C ASN A 302 12.89 5.29 16.53
N GLY A 303 13.45 5.05 15.38
CA GLY A 303 13.14 3.89 14.55
C GLY A 303 11.81 4.08 13.84
N GLY A 304 11.26 5.29 13.95
CA GLY A 304 10.00 5.60 13.24
C GLY A 304 8.78 5.12 13.96
N GLN A 305 7.84 4.57 13.20
CA GLN A 305 6.62 4.12 13.87
C GLN A 305 6.62 2.67 14.35
N HIS A 306 7.16 1.79 13.55
CA HIS A 306 7.27 0.36 13.74
C HIS A 306 6.14 -0.18 14.61
N HIS A 307 4.92 -0.11 14.06
CA HIS A 307 3.74 -0.55 14.76
C HIS A 307 3.52 -2.06 14.70
N TRP A 308 3.99 -2.73 13.69
CA TRP A 308 3.81 -4.18 13.44
C TRP A 308 4.95 -4.59 12.52
N ALA A 309 6.18 -4.41 12.98
CA ALA A 309 7.36 -4.67 12.16
C ALA A 309 7.77 -6.11 12.07
N LEU A 310 8.13 -6.54 10.89
CA LEU A 310 8.56 -7.94 10.66
C LEU A 310 10.03 -8.05 11.06
N GLN A 311 10.38 -9.02 11.84
CA GLN A 311 11.76 -9.28 12.29
C GLN A 311 12.71 -9.47 11.10
N ASP A 312 13.88 -8.89 11.30
CA ASP A 312 14.91 -8.92 10.27
C ASP A 312 15.26 -10.30 9.82
N GLY A 313 15.08 -11.32 10.61
CA GLY A 313 15.39 -12.71 10.22
C GLY A 313 14.39 -13.24 9.17
N LEU A 314 13.29 -12.54 8.86
CA LEU A 314 12.30 -13.01 7.87
C LEU A 314 12.15 -12.05 6.70
N ILE A 315 12.94 -10.99 6.61
CA ILE A 315 12.84 -10.02 5.52
C ILE A 315 13.06 -10.64 4.17
N ARG A 316 14.18 -11.37 4.05
CA ARG A 316 14.48 -11.99 2.75
C ARG A 316 13.40 -12.92 2.28
N GLN A 317 12.86 -13.72 3.14
CA GLN A 317 11.82 -14.72 2.90
C GLN A 317 10.52 -14.02 2.54
N ALA A 318 10.19 -12.92 3.22
CA ALA A 318 8.98 -12.11 2.95
C ALA A 318 8.97 -11.54 1.55
N TYR A 319 10.06 -10.89 1.15
CA TYR A 319 10.24 -10.34 -0.20
C TYR A 319 10.26 -11.47 -1.22
N ALA A 320 10.94 -12.57 -0.93
CA ALA A 320 11.03 -13.70 -1.92
C ALA A 320 9.66 -14.24 -2.25
N TYR A 321 8.77 -14.14 -1.28
CA TYR A 321 7.41 -14.63 -1.47
C TYR A 321 6.45 -13.65 -2.06
N ILE A 322 6.48 -12.36 -1.71
CA ILE A 322 5.50 -11.43 -2.38
C ILE A 322 5.98 -11.12 -3.82
N LEU A 323 7.26 -11.15 -4.05
CA LEU A 323 7.85 -10.85 -5.38
C LEU A 323 7.64 -11.97 -6.40
N THR A 324 7.48 -13.21 -5.93
CA THR A 324 7.23 -14.37 -6.76
C THR A 324 5.75 -14.79 -6.75
N SER A 325 4.85 -14.22 -5.97
CA SER A 325 3.45 -14.65 -5.92
C SER A 325 2.44 -13.68 -6.49
N PRO A 326 1.19 -14.11 -6.60
CA PRO A 326 0.04 -13.35 -7.10
C PRO A 326 -0.26 -12.12 -6.28
N GLY A 327 -1.27 -11.32 -6.58
CA GLY A 327 -1.49 -10.02 -5.84
C GLY A 327 -0.48 -9.08 -6.56
N THR A 328 -0.33 -7.83 -6.19
CA THR A 328 0.55 -6.79 -6.77
C THR A 328 1.49 -6.39 -5.60
N PRO A 329 2.79 -6.68 -5.72
CA PRO A 329 3.71 -6.44 -4.63
C PRO A 329 4.17 -5.01 -4.49
N VAL A 330 4.36 -4.60 -3.22
CA VAL A 330 4.90 -3.26 -2.90
C VAL A 330 6.26 -3.45 -2.19
N VAL A 331 7.24 -2.66 -2.61
CA VAL A 331 8.57 -2.74 -1.96
C VAL A 331 8.76 -1.50 -1.10
N TYR A 332 9.19 -1.68 0.12
CA TYR A 332 9.45 -0.56 1.06
C TYR A 332 10.82 0.07 0.70
N TRP A 333 10.83 1.39 0.64
CA TRP A 333 11.94 2.22 0.29
C TRP A 333 13.19 1.81 1.05
N ASP A 334 13.05 1.80 2.40
CA ASP A 334 14.24 1.47 3.23
C ASP A 334 14.82 0.09 2.95
N HIS A 335 13.99 -0.86 2.70
CA HIS A 335 14.52 -2.22 2.46
C HIS A 335 15.40 -2.17 1.21
N MET A 336 14.87 -1.50 0.23
CA MET A 336 15.31 -1.23 -1.07
C MET A 336 16.54 -0.33 -1.13
N TYR A 337 16.52 0.84 -0.61
CA TYR A 337 17.63 1.81 -0.67
C TYR A 337 18.32 2.17 0.59
N ASP A 338 18.04 1.73 1.77
CA ASP A 338 18.73 2.11 2.99
C ASP A 338 19.53 0.98 3.64
N TRP A 339 18.76 -0.10 3.87
CA TRP A 339 19.17 -1.30 4.56
C TRP A 339 19.91 -2.37 3.80
N GLY A 340 20.21 -2.28 2.57
CA GLY A 340 20.96 -3.15 1.68
C GLY A 340 20.28 -4.33 1.15
N TYR A 341 18.93 -4.33 1.03
CA TYR A 341 18.25 -5.53 0.48
C TYR A 341 18.07 -5.35 -1.02
N GLY A 342 18.45 -4.18 -1.51
CA GLY A 342 18.36 -3.79 -2.87
C GLY A 342 18.74 -4.78 -3.96
N ASP A 343 19.98 -5.31 -3.85
CA ASP A 343 20.44 -6.27 -4.90
C ASP A 343 19.61 -7.53 -4.91
N PHE A 344 19.20 -8.00 -3.74
CA PHE A 344 18.37 -9.19 -3.60
C PHE A 344 17.01 -8.90 -4.18
N ILE A 345 16.46 -7.73 -3.89
CA ILE A 345 15.14 -7.39 -4.42
C ILE A 345 15.18 -7.17 -5.93
N ARG A 346 16.32 -6.73 -6.46
CA ARG A 346 16.44 -6.52 -7.93
C ARG A 346 16.37 -7.88 -8.59
N GLN A 347 17.07 -8.90 -8.03
CA GLN A 347 17.07 -10.24 -8.59
C GLN A 347 15.62 -10.78 -8.75
N LEU A 348 14.83 -10.65 -7.68
CA LEU A 348 13.46 -11.14 -7.61
C LEU A 348 12.48 -10.47 -8.56
N ILE A 349 12.71 -9.18 -8.73
CA ILE A 349 11.83 -8.41 -9.65
C ILE A 349 12.03 -8.96 -11.06
N GLN A 350 13.26 -9.32 -11.39
CA GLN A 350 13.68 -9.81 -12.69
C GLN A 350 13.04 -11.21 -12.96
N VAL A 351 13.16 -12.02 -11.93
CA VAL A 351 12.56 -13.35 -11.89
C VAL A 351 11.03 -13.20 -12.03
N ARG A 352 10.40 -12.32 -11.30
CA ARG A 352 8.92 -12.16 -11.48
C ARG A 352 8.53 -11.82 -12.94
N ARG A 353 9.28 -10.88 -13.49
CA ARG A 353 9.15 -10.35 -14.85
C ARG A 353 9.48 -11.37 -15.94
N ALA A 354 10.55 -12.14 -15.73
CA ALA A 354 10.93 -13.17 -16.67
C ALA A 354 9.88 -14.27 -16.62
N ALA A 355 9.25 -14.58 -15.49
CA ALA A 355 8.29 -15.71 -15.56
C ALA A 355 6.92 -15.21 -15.95
N GLY A 356 6.75 -13.88 -15.96
CA GLY A 356 5.50 -13.29 -16.31
C GLY A 356 4.44 -13.68 -15.26
N VAL A 357 4.85 -13.46 -14.00
CA VAL A 357 3.94 -13.65 -12.90
C VAL A 357 3.13 -12.36 -12.82
N ARG A 358 1.80 -12.50 -12.65
CA ARG A 358 0.89 -11.34 -12.49
C ARG A 358 -0.12 -11.56 -11.38
N ALA A 359 -0.94 -10.56 -11.08
CA ALA A 359 -1.91 -10.53 -10.01
C ALA A 359 -2.73 -11.78 -9.79
N ASP A 360 -3.05 -12.37 -10.93
CA ASP A 360 -3.94 -13.54 -11.01
C ASP A 360 -3.29 -14.86 -11.34
N SER A 361 -1.96 -14.93 -11.45
CA SER A 361 -1.32 -16.21 -11.72
C SER A 361 -1.74 -17.13 -10.55
N ALA A 362 -1.84 -18.37 -10.84
CA ALA A 362 -2.20 -19.43 -9.92
C ALA A 362 -0.90 -19.78 -9.15
N ILE A 363 -1.15 -20.26 -8.00
CA ILE A 363 -0.29 -20.72 -6.97
C ILE A 363 -1.02 -21.84 -6.14
N SER A 364 -0.27 -22.88 -5.98
CA SER A 364 -0.46 -24.10 -5.25
C SER A 364 0.72 -24.24 -4.22
N PHE A 365 0.33 -24.72 -3.11
CA PHE A 365 1.12 -24.94 -1.91
C PHE A 365 1.27 -26.45 -1.71
N HIS A 366 2.49 -26.81 -1.32
CA HIS A 366 2.94 -28.17 -1.13
C HIS A 366 3.26 -28.51 0.30
N SER A 367 2.34 -29.29 0.77
CA SER A 367 1.96 -29.97 1.96
C SER A 367 2.99 -30.80 2.70
N GLY A 368 3.77 -31.57 1.96
CA GLY A 368 4.74 -32.44 2.52
C GLY A 368 6.11 -32.05 2.92
N TYR A 369 6.54 -30.81 2.90
CA TYR A 369 7.91 -30.39 3.30
C TYR A 369 7.73 -29.36 4.41
N SER A 370 8.80 -28.95 5.04
CA SER A 370 8.74 -27.87 6.04
C SER A 370 8.78 -26.52 5.29
N GLY A 371 8.45 -25.48 6.05
CA GLY A 371 8.47 -24.09 5.53
C GLY A 371 7.35 -23.95 4.52
N LEU A 372 7.44 -22.92 3.71
CA LEU A 372 6.41 -22.74 2.65
C LEU A 372 7.04 -23.32 1.38
N VAL A 373 6.33 -24.08 0.58
CA VAL A 373 6.91 -24.51 -0.75
C VAL A 373 5.68 -24.34 -1.67
N ALA A 374 5.80 -23.52 -2.70
CA ALA A 374 4.77 -23.20 -3.67
C ALA A 374 5.26 -23.33 -5.13
N THR A 375 4.29 -23.67 -5.93
CA THR A 375 4.37 -23.77 -7.37
C THR A 375 3.56 -22.59 -7.90
N VAL A 376 4.22 -21.62 -8.45
CA VAL A 376 3.62 -20.41 -9.01
C VAL A 376 3.73 -20.57 -10.54
N SER A 377 2.62 -20.52 -11.22
CA SER A 377 2.46 -20.63 -12.63
C SER A 377 2.50 -19.26 -13.32
N GLY A 378 3.68 -18.86 -13.66
CA GLY A 378 3.93 -17.62 -14.37
C GLY A 378 3.35 -17.80 -15.76
N SER A 379 3.10 -16.71 -16.43
CA SER A 379 2.55 -16.78 -17.82
C SER A 379 3.60 -17.17 -18.85
N GLN A 380 4.87 -17.19 -18.53
CA GLN A 380 6.00 -17.52 -19.34
C GLN A 380 6.82 -18.69 -18.76
N GLN A 381 6.84 -18.79 -17.44
CA GLN A 381 7.61 -19.80 -16.73
C GLN A 381 6.89 -20.24 -15.46
N THR A 382 7.24 -21.43 -15.01
CA THR A 382 6.71 -21.95 -13.73
C THR A 382 7.82 -21.70 -12.74
N LEU A 383 7.37 -21.30 -11.56
CA LEU A 383 8.38 -21.02 -10.46
C LEU A 383 8.13 -22.03 -9.34
N VAL A 384 9.17 -22.45 -8.67
CA VAL A 384 9.08 -23.34 -7.49
C VAL A 384 9.73 -22.46 -6.42
N VAL A 385 9.06 -22.15 -5.35
CA VAL A 385 9.54 -21.32 -4.22
C VAL A 385 9.63 -22.17 -2.96
N ALA A 386 10.78 -22.28 -2.33
CA ALA A 386 10.99 -23.08 -1.10
C ALA A 386 11.63 -22.16 0.00
N LEU A 387 10.72 -21.82 0.97
CA LEU A 387 11.17 -20.91 2.04
C LEU A 387 11.42 -21.68 3.32
N ASN A 388 12.68 -21.59 3.81
CA ASN A 388 12.97 -22.30 5.07
C ASN A 388 12.39 -23.72 5.02
N SER A 389 12.69 -24.46 3.94
CA SER A 389 12.10 -25.81 3.86
C SER A 389 13.24 -26.78 3.47
N ASP A 390 12.86 -28.03 3.64
CA ASP A 390 13.68 -29.22 3.49
C ASP A 390 13.58 -29.80 2.09
N LEU A 391 12.72 -29.19 1.27
CA LEU A 391 12.57 -29.59 -0.12
C LEU A 391 13.98 -29.85 -0.63
N GLY A 392 14.22 -30.95 -1.25
CA GLY A 392 15.55 -31.23 -1.82
C GLY A 392 15.76 -30.74 -3.22
N ASN A 393 14.87 -30.87 -4.16
CA ASN A 393 14.95 -30.45 -5.54
C ASN A 393 13.54 -30.04 -5.98
N PRO A 394 13.53 -29.22 -6.99
CA PRO A 394 12.23 -28.73 -7.52
C PRO A 394 11.41 -29.89 -8.03
N GLY A 395 11.98 -30.90 -8.65
CA GLY A 395 11.28 -32.01 -9.20
C GLY A 395 10.48 -32.82 -8.21
N GLN A 396 10.66 -32.61 -6.94
CA GLN A 396 9.91 -33.36 -5.94
C GLN A 396 8.48 -32.82 -5.87
N VAL A 397 8.27 -31.62 -6.35
CA VAL A 397 6.92 -30.94 -6.25
C VAL A 397 6.39 -30.46 -7.54
N ALA A 398 7.15 -30.45 -8.62
CA ALA A 398 6.64 -30.00 -9.94
C ALA A 398 7.28 -30.71 -11.11
N SER A 399 6.46 -31.00 -12.10
CA SER A 399 6.93 -31.65 -13.35
C SER A 399 7.65 -30.59 -14.19
N GLY A 400 8.66 -30.89 -14.92
CA GLY A 400 9.42 -30.01 -15.76
C GLY A 400 10.91 -29.89 -15.48
N SER A 401 11.60 -29.19 -16.36
CA SER A 401 13.04 -28.91 -16.29
C SER A 401 13.25 -27.57 -15.54
N PHE A 402 14.01 -27.56 -14.51
CA PHE A 402 14.21 -26.39 -13.60
C PHE A 402 15.68 -26.01 -13.47
N SER A 403 15.95 -24.75 -13.30
CA SER A 403 17.15 -23.98 -13.11
C SER A 403 17.00 -23.13 -11.81
N GLU A 404 18.10 -23.00 -11.08
CA GLU A 404 18.20 -22.23 -9.85
C GLU A 404 18.07 -20.75 -10.25
N ALA A 405 17.06 -20.07 -9.66
CA ALA A 405 16.88 -18.65 -10.02
C ALA A 405 17.50 -17.78 -8.93
N VAL A 406 17.29 -18.10 -7.70
CA VAL A 406 17.69 -17.50 -6.46
C VAL A 406 18.07 -18.63 -5.52
N ASN A 407 19.09 -18.28 -4.75
CA ASN A 407 19.60 -19.17 -3.70
C ASN A 407 20.18 -18.30 -2.57
N ALA A 408 19.38 -17.96 -1.58
CA ALA A 408 19.91 -17.05 -0.53
C ALA A 408 19.76 -17.58 0.86
N SER A 409 20.34 -16.91 1.84
CA SER A 409 20.44 -17.11 3.25
C SER A 409 20.52 -18.61 3.62
N ASN A 410 21.68 -19.13 3.29
CA ASN A 410 22.07 -20.55 3.47
C ASN A 410 21.01 -21.50 2.96
N GLY A 411 20.44 -21.26 1.79
CA GLY A 411 19.40 -22.15 1.27
C GLY A 411 18.02 -21.85 1.84
N GLN A 412 17.89 -20.87 2.69
CA GLN A 412 16.55 -20.56 3.24
C GLN A 412 15.67 -19.97 2.16
N VAL A 413 16.26 -19.32 1.17
CA VAL A 413 15.47 -18.74 0.05
C VAL A 413 16.01 -19.42 -1.25
N ARG A 414 15.21 -20.19 -1.87
CA ARG A 414 15.40 -20.91 -3.12
C ARG A 414 14.19 -20.75 -4.03
N VAL A 415 14.45 -20.36 -5.25
CA VAL A 415 13.48 -20.10 -6.32
C VAL A 415 14.09 -20.73 -7.58
N TRP A 416 13.25 -21.50 -8.26
CA TRP A 416 13.70 -22.19 -9.48
C TRP A 416 12.80 -21.85 -10.66
N ARG A 417 13.34 -22.08 -11.79
CA ARG A 417 13.06 -21.99 -13.18
C ARG A 417 13.20 -20.51 -13.58
N SER A 418 14.43 -20.21 -13.88
CA SER A 418 15.23 -19.11 -14.25
C SER A 418 14.70 -17.72 -14.01
CA CA B . -14.57 9.33 9.38
CA CA C . -0.16 -2.11 -15.95
#